data_6H51
#
_entry.id   6H51
#
_cell.length_a   142.000
_cell.length_b   142.000
_cell.length_c   152.410
_cell.angle_alpha   90.00
_cell.angle_beta   90.00
_cell.angle_gamma   120.00
#
_symmetry.space_group_name_H-M   'P 65 2 2'
#
loop_
_entity.id
_entity.type
_entity.pdbx_description
1 polymer 'Lysine-specific demethylase 5B,Lysine-specific demethylase 5B'
2 non-polymer 'ZINC ION'
3 non-polymer 'MANGANESE (II) ION'
4 non-polymer 'DIMETHYL SULFOXIDE'
5 non-polymer 1,2-ETHANEDIOL
6 non-polymer 'PHOSPHATE ION'
7 non-polymer 8-[4-[1-(cyclobutylmethyl)piperidin-4-yl]pyrazol-1-yl]-3~{H}-pyrido[3,4-d]pyrimidin-4-one
8 water water
#
_entity_poly.entity_id   1
_entity_poly.type   'polypeptide(L)'
_entity_poly.pdbx_seq_one_letter_code
;SMFLPPPECPVFEPSWEEFADPFAFIHKIRPIAEQTGICKVRPPPDWQPPFACDVDKLHFTPRIQRLNELEAQTRVKLGG
GGARDYTLRTFGEMADAFKSDYFNMPVHMVPTELVEKEFWRLVSTIEEDVTVEYGADIASKEFGSGFPVRDGKIKLSPEE
EEYLDSGWNLNNMPVMEQSVLAHITADICGMKLPWLYVGMCFSSFCWHIEDHWSYSINYLHWGEPKTWYGVPGYAAEQLE
NVMKKLAPELFVSQPDLLHQLVTIMNPNTLMTHEVPVYRTNQCAGEFVITFPRAYHSGFNQGFNFAEAVNFCTVDWLPLG
RQCVEHYRLLHRYCVFSHDEMICKMASKADVLDVVVASTVQKDMAIMIEDEKALRETVRKLGVIDSERMDFELLPDDERQ
CVKCKTTCFMSAISCSCKPGLLVCLHHVKELCSCPPYKYKLRYRYTLDDLYPMMNALKLRAESYNEWALNVNEALEAKIN
K
;
_entity_poly.pdbx_strand_id   A
#
# COMPACT_ATOMS: atom_id res chain seq x y z
CA SER A 1 14.63 -29.47 -4.06
C SER A 1 15.82 -28.56 -3.76
N MET A 2 16.05 -27.53 -4.61
CA MET A 2 17.15 -26.56 -4.43
C MET A 2 16.69 -25.11 -4.43
N PHE A 3 17.10 -24.36 -3.42
CA PHE A 3 16.77 -22.94 -3.29
C PHE A 3 18.07 -22.15 -3.16
N LEU A 4 18.25 -21.17 -4.05
CA LEU A 4 19.42 -20.29 -4.02
C LEU A 4 18.94 -18.96 -3.45
N PRO A 5 19.18 -18.71 -2.15
CA PRO A 5 18.68 -17.46 -1.56
C PRO A 5 19.08 -16.20 -2.33
N PRO A 6 18.11 -15.30 -2.62
CA PRO A 6 18.45 -14.04 -3.30
C PRO A 6 19.46 -13.23 -2.44
N PRO A 7 20.24 -12.29 -3.03
CA PRO A 7 21.16 -11.48 -2.20
C PRO A 7 20.39 -10.65 -1.17
N GLU A 8 21.03 -10.31 -0.06
CA GLU A 8 20.44 -9.53 1.02
C GLU A 8 20.12 -8.09 0.60
N CYS A 9 18.98 -7.56 1.06
CA CYS A 9 18.59 -6.18 0.80
C CYS A 9 19.44 -5.24 1.74
N PRO A 10 19.49 -3.89 1.51
CA PRO A 10 20.26 -3.00 2.42
C PRO A 10 19.66 -2.95 3.84
N VAL A 11 20.53 -2.86 4.85
CA VAL A 11 20.19 -2.75 6.27
C VAL A 11 20.75 -1.41 6.73
N PHE A 12 19.91 -0.57 7.33
CA PHE A 12 20.35 0.71 7.84
C PHE A 12 20.28 0.73 9.34
N GLU A 13 21.28 1.38 9.95
CA GLU A 13 21.36 1.55 11.38
C GLU A 13 21.53 3.05 11.68
N PRO A 14 20.42 3.85 11.54
CA PRO A 14 20.54 5.29 11.80
C PRO A 14 20.89 5.63 13.24
N SER A 15 21.58 6.75 13.45
CA SER A 15 21.89 7.29 14.77
C SER A 15 20.61 8.00 15.24
N TRP A 16 20.58 8.48 16.49
CA TRP A 16 19.41 9.19 16.98
C TRP A 16 19.05 10.41 16.16
N GLU A 17 20.06 11.19 15.72
CA GLU A 17 19.85 12.40 14.91
C GLU A 17 19.27 12.05 13.54
N GLU A 18 19.75 10.96 12.92
CA GLU A 18 19.26 10.47 11.63
C GLU A 18 17.84 9.94 11.81
N PHE A 19 17.61 9.16 12.89
CA PHE A 19 16.33 8.51 13.24
C PHE A 19 15.23 9.51 13.58
N ALA A 20 15.58 10.63 14.23
CA ALA A 20 14.68 11.71 14.68
C ALA A 20 13.51 12.01 13.74
N ASP A 21 13.77 12.13 12.41
CA ASP A 21 12.73 12.39 11.42
C ASP A 21 12.64 11.22 10.40
N PRO A 22 11.56 10.39 10.47
CA PRO A 22 11.44 9.26 9.52
C PRO A 22 11.46 9.66 8.05
N PHE A 23 10.78 10.77 7.69
CA PHE A 23 10.68 11.27 6.32
C PHE A 23 12.03 11.78 5.78
N ALA A 24 12.82 12.52 6.59
CA ALA A 24 14.16 12.99 6.17
C ALA A 24 15.07 11.76 5.98
N PHE A 25 14.94 10.77 6.88
CA PHE A 25 15.70 9.53 6.80
C PHE A 25 15.36 8.68 5.54
N ILE A 26 14.05 8.51 5.24
CA ILE A 26 13.56 7.77 4.08
C ILE A 26 14.05 8.44 2.79
N HIS A 27 14.08 9.80 2.78
CA HIS A 27 14.58 10.60 1.67
C HIS A 27 16.11 10.39 1.49
N LYS A 28 16.87 10.33 2.60
CA LYS A 28 18.31 10.10 2.59
C LYS A 28 18.67 8.71 2.00
N ILE A 29 17.99 7.64 2.45
CA ILE A 29 18.27 6.24 2.03
C ILE A 29 17.72 5.87 0.64
N ARG A 30 16.74 6.65 0.14
CA ARG A 30 16.04 6.43 -1.13
C ARG A 30 16.98 6.09 -2.32
N PRO A 31 18.09 6.82 -2.60
CA PRO A 31 18.95 6.44 -3.76
C PRO A 31 19.45 4.99 -3.72
N ILE A 32 19.70 4.45 -2.52
CA ILE A 32 20.16 3.07 -2.33
C ILE A 32 18.97 2.10 -2.33
N ALA A 33 18.01 2.35 -1.41
CA ALA A 33 16.85 1.52 -1.14
C ALA A 33 15.88 1.35 -2.33
N GLU A 34 15.73 2.36 -3.18
CA GLU A 34 14.85 2.26 -4.35
C GLU A 34 15.40 1.29 -5.43
N GLN A 35 16.70 0.95 -5.35
CA GLN A 35 17.37 0.02 -6.25
C GLN A 35 17.15 -1.45 -5.87
N THR A 36 16.60 -1.67 -4.66
CA THR A 36 16.33 -2.99 -4.12
C THR A 36 14.85 -3.21 -3.81
N GLY A 37 14.06 -2.13 -3.79
CA GLY A 37 12.62 -2.17 -3.54
C GLY A 37 12.24 -2.20 -2.07
N ILE A 38 12.98 -3.00 -1.29
CA ILE A 38 12.80 -3.13 0.17
C ILE A 38 14.15 -2.81 0.84
N CYS A 39 14.06 -2.41 2.10
CA CYS A 39 15.23 -2.21 2.95
C CYS A 39 14.83 -2.47 4.40
N LYS A 40 15.80 -2.71 5.24
CA LYS A 40 15.56 -2.96 6.64
C LYS A 40 16.13 -1.80 7.43
N VAL A 41 15.40 -1.39 8.47
CA VAL A 41 15.85 -0.31 9.35
C VAL A 41 15.92 -0.81 10.79
N ARG A 42 17.12 -0.80 11.36
N ARG A 42 17.12 -0.79 11.37
CA ARG A 42 17.34 -1.16 12.76
CA ARG A 42 17.37 -1.15 12.76
C ARG A 42 17.32 0.15 13.56
C ARG A 42 17.33 0.17 13.55
N PRO A 43 16.33 0.38 14.44
CA PRO A 43 16.30 1.63 15.21
C PRO A 43 17.45 1.73 16.23
N PRO A 44 17.81 2.95 16.73
CA PRO A 44 18.84 3.05 17.79
C PRO A 44 18.57 2.06 18.94
N PRO A 45 19.63 1.41 19.50
CA PRO A 45 19.43 0.34 20.50
C PRO A 45 18.44 0.61 21.64
N ASP A 46 18.39 1.88 22.10
CA ASP A 46 17.55 2.37 23.18
C ASP A 46 16.10 2.74 22.75
N TRP A 47 15.80 2.75 21.41
CA TRP A 47 14.43 3.01 20.95
C TRP A 47 13.71 1.68 21.11
N GLN A 48 12.89 1.57 22.15
CA GLN A 48 12.19 0.32 22.44
C GLN A 48 10.77 0.61 22.89
N PRO A 49 9.80 0.74 21.94
CA PRO A 49 8.42 1.03 22.33
C PRO A 49 7.88 -0.09 23.21
N PRO A 50 7.09 0.19 24.26
CA PRO A 50 6.63 -0.92 25.10
C PRO A 50 5.47 -1.67 24.49
N PHE A 51 5.61 -3.00 24.39
CA PHE A 51 4.54 -3.84 23.91
C PHE A 51 3.86 -4.52 25.11
N ALA A 52 2.58 -4.21 25.30
CA ALA A 52 1.77 -4.80 26.38
C ALA A 52 0.35 -5.06 25.87
N CYS A 53 -0.13 -6.31 26.06
CA CYS A 53 -1.47 -6.76 25.67
C CYS A 53 -1.90 -8.01 26.45
N ASP A 54 -3.23 -8.14 26.68
CA ASP A 54 -3.79 -9.33 27.32
C ASP A 54 -4.05 -10.32 26.20
N VAL A 55 -3.42 -11.48 26.28
CA VAL A 55 -3.51 -12.52 25.26
C VAL A 55 -4.89 -13.21 25.22
N ASP A 56 -5.67 -13.09 26.30
CA ASP A 56 -6.99 -13.68 26.47
C ASP A 56 -8.15 -12.78 26.01
N LYS A 57 -7.91 -11.47 26.00
CA LYS A 57 -8.89 -10.45 25.61
C LYS A 57 -8.79 -10.08 24.15
N LEU A 58 -7.65 -10.34 23.50
CA LEU A 58 -7.46 -10.08 22.08
C LEU A 58 -7.97 -11.27 21.24
N HIS A 59 -9.07 -11.06 20.49
N HIS A 59 -9.04 -11.06 20.46
CA HIS A 59 -9.77 -12.04 19.64
CA HIS A 59 -9.63 -12.10 19.62
C HIS A 59 -9.66 -11.67 18.15
C HIS A 59 -9.73 -11.69 18.15
N PHE A 60 -9.64 -12.69 17.26
CA PHE A 60 -9.68 -12.52 15.81
C PHE A 60 -10.06 -13.84 15.11
N THR A 61 -10.54 -13.72 13.87
CA THR A 61 -10.87 -14.89 13.06
C THR A 61 -9.77 -14.90 11.99
N PRO A 62 -8.96 -15.95 11.90
CA PRO A 62 -7.88 -15.93 10.91
C PRO A 62 -8.36 -16.40 9.54
N ARG A 63 -7.55 -16.09 8.52
CA ARG A 63 -7.76 -16.47 7.13
C ARG A 63 -7.02 -17.82 6.94
N ILE A 64 -7.64 -18.77 6.23
CA ILE A 64 -7.05 -20.08 5.93
C ILE A 64 -6.22 -19.95 4.65
N GLN A 65 -5.00 -20.49 4.63
CA GLN A 65 -4.13 -20.43 3.46
C GLN A 65 -3.66 -21.78 3.06
N ARG A 66 -3.87 -22.12 1.77
CA ARG A 66 -3.41 -23.34 1.09
C ARG A 66 -2.09 -22.95 0.42
N LEU A 67 -1.00 -23.61 0.78
CA LEU A 67 0.33 -23.23 0.31
C LEU A 67 0.69 -23.83 -1.05
N ASN A 68 0.23 -23.18 -2.12
CA ASN A 68 0.46 -23.66 -3.49
C ASN A 68 0.93 -22.56 -4.41
N GLU A 69 2.08 -22.80 -5.05
CA GLU A 69 2.73 -21.91 -6.01
C GLU A 69 1.88 -21.77 -7.26
N LEU A 70 1.81 -20.54 -7.78
CA LEU A 70 1.08 -20.13 -8.99
C LEU A 70 -0.46 -20.31 -8.87
N GLU A 71 -0.95 -20.73 -7.68
CA GLU A 71 -2.36 -20.87 -7.37
C GLU A 71 -2.89 -19.49 -6.96
N ALA A 72 -3.88 -18.98 -7.72
CA ALA A 72 -4.51 -17.68 -7.50
C ALA A 72 -5.14 -17.56 -6.13
N GLN A 73 -4.92 -16.41 -5.49
CA GLN A 73 -5.42 -16.05 -4.17
C GLN A 73 -5.97 -14.63 -4.25
N THR A 74 -7.02 -14.33 -3.45
CA THR A 74 -7.61 -12.98 -3.42
C THR A 74 -6.85 -12.12 -2.40
N ARG A 75 -6.73 -10.80 -2.68
CA ARG A 75 -6.08 -9.83 -1.79
C ARG A 75 -6.89 -9.57 -0.50
N VAL A 76 -8.20 -9.30 -0.64
N ALA A 83 -13.13 -21.90 9.55
CA ALA A 83 -12.27 -20.95 10.25
C ALA A 83 -12.88 -20.47 11.60
N ARG A 84 -12.32 -20.96 12.72
CA ARG A 84 -12.76 -20.63 14.08
C ARG A 84 -12.23 -19.25 14.55
N ASP A 85 -12.79 -18.73 15.65
CA ASP A 85 -12.31 -17.52 16.29
C ASP A 85 -11.20 -17.94 17.28
N TYR A 86 -10.11 -17.18 17.33
CA TYR A 86 -8.98 -17.48 18.24
C TYR A 86 -8.72 -16.29 19.13
N THR A 87 -8.12 -16.53 20.31
CA THR A 87 -7.57 -15.44 21.10
C THR A 87 -6.10 -15.44 20.67
N LEU A 88 -5.36 -14.36 20.96
CA LEU A 88 -3.94 -14.33 20.65
C LEU A 88 -3.25 -15.52 21.35
N ARG A 89 -3.71 -15.90 22.57
CA ARG A 89 -3.20 -17.05 23.29
C ARG A 89 -3.44 -18.38 22.55
N THR A 90 -4.70 -18.69 22.15
CA THR A 90 -5.03 -19.98 21.53
C THR A 90 -4.42 -20.08 20.13
N PHE A 91 -4.29 -18.92 19.42
CA PHE A 91 -3.64 -18.90 18.12
C PHE A 91 -2.16 -19.27 18.30
N GLY A 92 -1.49 -18.64 19.26
CA GLY A 92 -0.11 -18.91 19.58
C GLY A 92 0.16 -20.36 19.93
N GLU A 93 -0.75 -20.98 20.72
CA GLU A 93 -0.65 -22.39 21.12
C GLU A 93 -0.69 -23.28 19.88
N MET A 94 -1.65 -23.01 18.97
CA MET A 94 -1.84 -23.71 17.70
C MET A 94 -0.60 -23.49 16.81
N ALA A 95 -0.12 -22.24 16.73
CA ALA A 95 1.03 -21.88 15.89
C ALA A 95 2.30 -22.63 16.33
N ASP A 96 2.55 -22.70 17.66
CA ASP A 96 3.71 -23.36 18.27
C ASP A 96 3.64 -24.87 18.12
N ALA A 97 2.46 -25.47 18.38
CA ALA A 97 2.25 -26.91 18.20
C ALA A 97 2.48 -27.26 16.73
N PHE A 98 1.98 -26.44 15.79
CA PHE A 98 2.17 -26.69 14.37
C PHE A 98 3.65 -26.78 13.96
N LYS A 99 4.44 -25.73 14.26
CA LYS A 99 5.86 -25.67 13.92
C LYS A 99 6.64 -26.79 14.59
N SER A 100 6.43 -27.01 15.88
CA SER A 100 7.16 -28.04 16.59
C SER A 100 6.81 -29.44 16.09
N ASP A 101 5.56 -29.70 15.61
CA ASP A 101 5.16 -31.01 15.06
C ASP A 101 5.64 -31.22 13.64
N TYR A 102 5.75 -30.13 12.91
CA TYR A 102 6.22 -30.14 11.54
C TYR A 102 7.66 -30.59 11.45
N PHE A 103 8.51 -30.04 12.32
CA PHE A 103 9.93 -30.29 12.34
C PHE A 103 10.40 -31.27 13.38
N ASN A 104 9.54 -31.62 14.37
CA ASN A 104 9.87 -32.48 15.50
C ASN A 104 11.08 -31.91 16.27
N MET A 105 11.05 -30.61 16.51
CA MET A 105 12.09 -29.86 17.18
C MET A 105 11.48 -28.81 18.07
N PRO A 106 12.16 -28.37 19.16
CA PRO A 106 11.65 -27.21 19.93
C PRO A 106 11.48 -26.02 18.96
N VAL A 107 10.32 -25.34 19.03
CA VAL A 107 9.90 -24.21 18.16
C VAL A 107 11.00 -23.17 17.80
N HIS A 108 11.98 -22.89 18.71
CA HIS A 108 13.09 -21.92 18.56
C HIS A 108 14.40 -22.48 18.01
N MET A 109 14.48 -23.81 17.85
CA MET A 109 15.71 -24.39 17.34
C MET A 109 15.67 -24.64 15.85
N VAL A 110 14.56 -24.28 15.21
CA VAL A 110 14.44 -24.47 13.77
C VAL A 110 15.25 -23.38 13.00
N PRO A 111 16.33 -23.76 12.28
CA PRO A 111 17.10 -22.77 11.50
C PRO A 111 16.25 -22.01 10.49
N THR A 112 16.47 -20.70 10.34
CA THR A 112 15.68 -19.88 9.41
C THR A 112 15.85 -20.33 7.95
N GLU A 113 17.08 -20.70 7.57
CA GLU A 113 17.41 -21.19 6.24
C GLU A 113 16.65 -22.48 5.92
N LEU A 114 16.42 -23.32 6.95
CA LEU A 114 15.64 -24.55 6.82
C LEU A 114 14.17 -24.23 6.56
N VAL A 115 13.56 -23.30 7.34
CA VAL A 115 12.14 -22.91 7.18
C VAL A 115 11.94 -22.33 5.77
N GLU A 116 12.90 -21.51 5.30
CA GLU A 116 12.88 -20.91 3.96
C GLU A 116 12.91 -21.97 2.84
N LYS A 117 13.86 -22.93 2.89
CA LYS A 117 13.99 -24.03 1.92
C LYS A 117 12.72 -24.86 1.92
N GLU A 118 12.20 -25.14 3.11
CA GLU A 118 11.02 -25.94 3.31
C GLU A 118 9.79 -25.27 2.79
N PHE A 119 9.69 -23.95 2.96
CA PHE A 119 8.56 -23.19 2.45
C PHE A 119 8.52 -23.33 0.94
N TRP A 120 9.66 -23.09 0.28
CA TRP A 120 9.74 -23.14 -1.18
C TRP A 120 9.54 -24.56 -1.74
N ARG A 121 9.91 -25.59 -0.98
CA ARG A 121 9.66 -26.97 -1.40
C ARG A 121 8.13 -27.30 -1.31
N LEU A 122 7.53 -26.94 -0.17
N LEU A 122 7.51 -26.98 -0.17
CA LEU A 122 6.11 -27.15 0.13
CA LEU A 122 6.10 -27.27 0.13
C LEU A 122 5.17 -26.57 -0.90
C LEU A 122 5.12 -26.56 -0.84
N VAL A 123 5.43 -25.33 -1.32
CA VAL A 123 4.58 -24.59 -2.29
C VAL A 123 4.66 -25.16 -3.71
N SER A 124 5.77 -25.85 -4.05
CA SER A 124 5.98 -26.43 -5.37
C SER A 124 5.55 -27.90 -5.49
N THR A 125 5.51 -28.66 -4.37
CA THR A 125 5.11 -30.07 -4.34
C THR A 125 3.58 -30.22 -4.33
N ILE A 126 3.04 -30.87 -5.36
CA ILE A 126 1.58 -31.10 -5.48
C ILE A 126 1.06 -32.11 -4.45
N GLU A 127 1.91 -33.09 -4.09
CA GLU A 127 1.65 -34.16 -3.11
C GLU A 127 1.40 -33.65 -1.68
N GLU A 128 1.95 -32.48 -1.35
CA GLU A 128 1.82 -31.82 -0.03
C GLU A 128 0.56 -30.97 0.01
N ASP A 129 -0.31 -31.19 1.02
CA ASP A 129 -1.57 -30.44 1.21
C ASP A 129 -1.52 -29.70 2.56
N VAL A 130 -0.52 -28.82 2.73
CA VAL A 130 -0.30 -28.08 3.97
C VAL A 130 -1.12 -26.80 4.01
N THR A 131 -1.96 -26.67 5.04
N THR A 131 -1.97 -26.67 5.04
CA THR A 131 -2.77 -25.47 5.25
CA THR A 131 -2.82 -25.50 5.24
C THR A 131 -2.38 -24.77 6.55
C THR A 131 -2.48 -24.79 6.57
N VAL A 132 -2.31 -23.44 6.51
CA VAL A 132 -1.97 -22.62 7.69
C VAL A 132 -3.04 -21.54 7.89
N GLU A 133 -2.91 -20.74 8.95
CA GLU A 133 -3.82 -19.66 9.30
C GLU A 133 -3.03 -18.39 9.58
N TYR A 134 -3.60 -17.26 9.21
CA TYR A 134 -2.98 -15.94 9.33
C TYR A 134 -4.02 -14.94 9.85
N GLY A 135 -3.65 -14.15 10.85
CA GLY A 135 -4.52 -13.08 11.32
C GLY A 135 -4.16 -11.82 10.55
N ALA A 136 -5.10 -11.19 9.84
CA ALA A 136 -4.84 -9.94 9.10
C ALA A 136 -6.03 -8.98 9.21
N ASP A 137 -5.86 -7.77 9.80
CA ASP A 137 -6.94 -6.81 9.98
C ASP A 137 -6.50 -5.42 10.47
N ILE A 138 -7.33 -4.38 10.19
CA ILE A 138 -7.11 -3.00 10.67
C ILE A 138 -7.35 -2.95 12.18
N ALA A 139 -6.69 -2.01 12.88
CA ALA A 139 -6.87 -1.82 14.32
C ALA A 139 -8.33 -1.40 14.63
N SER A 140 -8.90 -2.01 15.68
CA SER A 140 -10.27 -1.80 16.16
C SER A 140 -10.30 -2.08 17.68
N LYS A 141 -11.45 -1.79 18.34
CA LYS A 141 -11.66 -1.99 19.79
C LYS A 141 -11.39 -3.43 20.26
N GLU A 142 -11.61 -4.43 19.38
CA GLU A 142 -11.40 -5.86 19.64
C GLU A 142 -9.91 -6.25 19.54
N PHE A 143 -9.16 -5.56 18.64
CA PHE A 143 -7.73 -5.79 18.38
C PHE A 143 -7.07 -4.47 17.90
N GLY A 144 -6.50 -3.73 18.85
CA GLY A 144 -5.89 -2.42 18.60
C GLY A 144 -4.42 -2.44 18.24
N SER A 145 -3.86 -1.23 18.00
CA SER A 145 -2.46 -1.00 17.64
C SER A 145 -1.47 -1.54 18.68
N GLY A 146 -0.33 -2.02 18.22
CA GLY A 146 0.75 -2.48 19.09
C GLY A 146 1.57 -1.34 19.65
N PHE A 147 1.38 -0.12 19.11
CA PHE A 147 2.06 1.09 19.54
C PHE A 147 1.18 1.88 20.53
N PRO A 148 1.75 2.68 21.46
CA PRO A 148 0.88 3.49 22.35
C PRO A 148 0.04 4.50 21.59
N VAL A 149 -1.24 4.63 22.01
CA VAL A 149 -2.23 5.58 21.47
C VAL A 149 -2.90 6.32 22.64
N ARG A 150 -3.34 7.56 22.40
CA ARG A 150 -4.03 8.34 23.42
C ARG A 150 -5.45 7.80 23.62
N ASP A 151 -5.82 7.50 24.89
CA ASP A 151 -7.14 6.96 25.26
C ASP A 151 -7.67 7.60 26.54
N GLY A 152 -8.97 7.90 26.56
CA GLY A 152 -9.65 8.51 27.69
C GLY A 152 -10.14 7.50 28.71
N ILE A 154 -7.57 5.21 28.87
CA ILE A 154 -6.76 4.71 29.99
C ILE A 154 -5.56 5.62 30.28
N LYS A 155 -5.04 5.58 31.53
CA LYS A 155 -3.85 6.35 31.92
C LYS A 155 -2.59 5.60 31.46
N LEU A 156 -1.74 6.28 30.66
CA LEU A 156 -0.50 5.73 30.12
C LEU A 156 0.71 6.01 31.02
N SER A 157 1.68 5.07 31.03
CA SER A 157 2.93 5.17 31.79
C SER A 157 3.90 6.12 31.05
N PRO A 158 4.89 6.78 31.72
CA PRO A 158 5.82 7.66 30.98
C PRO A 158 6.57 6.96 29.83
N GLU A 159 6.78 5.62 29.92
CA GLU A 159 7.40 4.81 28.85
C GLU A 159 6.50 4.78 27.59
N GLU A 160 5.17 4.84 27.77
CA GLU A 160 4.20 4.88 26.67
C GLU A 160 4.10 6.31 26.13
N GLU A 161 4.15 7.33 27.04
CA GLU A 161 4.09 8.77 26.71
C GLU A 161 5.25 9.17 25.79
N GLU A 162 6.45 8.61 26.08
CA GLU A 162 7.71 8.71 25.32
C GLU A 162 7.52 8.43 23.81
N TYR A 163 6.79 7.34 23.48
CA TYR A 163 6.56 6.82 22.14
C TYR A 163 5.22 7.20 21.53
N LEU A 164 4.42 8.00 22.24
CA LEU A 164 3.11 8.42 21.77
C LEU A 164 3.21 9.30 20.54
N ASP A 165 4.20 10.20 20.54
CA ASP A 165 4.36 11.20 19.50
C ASP A 165 5.49 10.90 18.52
N SER A 166 6.15 9.74 18.67
CA SER A 166 7.22 9.30 17.79
C SER A 166 6.74 9.24 16.33
N GLY A 167 7.59 9.72 15.41
CA GLY A 167 7.33 9.64 13.97
C GLY A 167 7.32 8.19 13.49
N TRP A 168 8.03 7.29 14.21
CA TRP A 168 8.10 5.85 13.94
C TRP A 168 6.99 5.06 14.59
N ASN A 169 6.12 5.71 15.39
CA ASN A 169 4.92 5.07 15.93
C ASN A 169 4.01 5.11 14.68
N LEU A 170 3.63 3.94 14.15
CA LEU A 170 2.92 3.84 12.87
C LEU A 170 1.51 4.48 12.87
N ASN A 171 0.95 4.82 14.04
CA ASN A 171 -0.30 5.58 14.11
C ASN A 171 -0.07 7.07 13.73
N ASN A 172 1.13 7.62 13.95
CA ASN A 172 1.45 9.03 13.66
C ASN A 172 1.94 9.28 12.25
N MET A 173 2.77 8.35 11.71
CA MET A 173 3.37 8.39 10.37
C MET A 173 2.41 8.94 9.27
N PRO A 174 1.16 8.42 9.10
CA PRO A 174 0.26 8.99 8.08
C PRO A 174 -0.17 10.45 8.28
N VAL A 175 -0.38 10.88 9.54
CA VAL A 175 -0.91 12.22 9.82
C VAL A 175 0.20 13.28 10.03
N MET A 176 1.48 12.96 9.71
CA MET A 176 2.58 13.94 9.80
C MET A 176 2.54 14.92 8.59
N GLU A 177 3.14 16.14 8.72
CA GLU A 177 3.09 17.16 7.65
C GLU A 177 3.97 16.87 6.40
N GLN A 178 4.88 15.86 6.47
CA GLN A 178 5.75 15.51 5.34
C GLN A 178 5.07 14.43 4.45
N SER A 179 3.97 13.87 4.96
CA SER A 179 3.10 12.89 4.32
C SER A 179 2.03 13.65 3.48
N VAL A 180 1.44 13.01 2.45
CA VAL A 180 0.44 13.68 1.61
C VAL A 180 -0.96 13.03 1.72
N LEU A 181 -1.04 11.72 2.13
CA LEU A 181 -2.31 11.00 2.35
C LEU A 181 -3.04 11.59 3.57
N ALA A 182 -2.30 12.36 4.38
CA ALA A 182 -2.72 13.03 5.61
C ALA A 182 -3.90 13.95 5.44
N HIS A 183 -3.79 14.83 4.44
N HIS A 183 -3.80 14.89 4.48
CA HIS A 183 -4.73 15.88 4.10
CA HIS A 183 -4.85 15.89 4.27
C HIS A 183 -6.03 15.35 3.48
C HIS A 183 -6.09 15.34 3.52
N ILE A 184 -6.05 14.08 3.04
CA ILE A 184 -7.21 13.43 2.39
C ILE A 184 -8.43 13.34 3.35
N THR A 185 -9.55 14.00 2.95
CA THR A 185 -10.82 14.09 3.66
C THR A 185 -11.53 12.74 3.61
N ALA A 186 -11.68 12.19 2.37
CA ALA A 186 -12.34 10.93 2.05
C ALA A 186 -11.91 9.78 2.98
N ASP A 187 -12.90 8.94 3.35
CA ASP A 187 -12.68 7.78 4.20
C ASP A 187 -11.95 6.72 3.38
N ILE A 188 -10.65 6.56 3.66
CA ILE A 188 -9.76 5.62 2.98
C ILE A 188 -9.05 4.72 4.02
N CYS A 189 -9.82 4.24 5.02
CA CYS A 189 -9.43 3.40 6.17
C CYS A 189 -8.30 2.39 5.90
N GLY A 190 -8.30 1.75 4.73
CA GLY A 190 -7.29 0.77 4.36
C GLY A 190 -5.89 1.32 4.03
N MET A 191 -5.79 2.65 3.81
CA MET A 191 -4.56 3.35 3.40
C MET A 191 -4.01 4.40 4.38
N LYS A 192 -4.73 4.66 5.46
CA LYS A 192 -4.32 5.65 6.45
C LYS A 192 -4.17 4.98 7.82
N LEU A 193 -4.88 3.87 8.04
CA LEU A 193 -4.90 3.17 9.31
C LEU A 193 -4.00 1.97 9.31
N PRO A 194 -3.25 1.74 10.41
CA PRO A 194 -2.37 0.56 10.46
C PRO A 194 -3.09 -0.80 10.40
N TRP A 195 -2.43 -1.77 9.76
CA TRP A 195 -2.91 -3.15 9.65
C TRP A 195 -2.08 -4.00 10.61
N LEU A 196 -2.72 -4.98 11.23
CA LEU A 196 -2.09 -5.87 12.20
C LEU A 196 -2.05 -7.26 11.62
N TYR A 197 -0.89 -7.93 11.73
CA TYR A 197 -0.65 -9.26 11.16
C TYR A 197 -0.16 -10.21 12.22
N VAL A 198 -0.97 -11.22 12.52
CA VAL A 198 -0.60 -12.25 13.49
C VAL A 198 -0.21 -13.47 12.67
N GLY A 199 1.09 -13.76 12.63
CA GLY A 199 1.61 -14.86 11.82
C GLY A 199 1.92 -16.15 12.54
N MET A 200 2.08 -17.21 11.75
CA MET A 200 2.52 -18.52 12.19
C MET A 200 3.50 -19.05 11.15
N CYS A 201 4.17 -20.17 11.43
CA CYS A 201 5.08 -20.79 10.46
C CYS A 201 4.41 -20.97 9.12
N PHE A 202 5.07 -20.44 8.06
CA PHE A 202 4.67 -20.55 6.65
C PHE A 202 3.49 -19.68 6.22
N SER A 203 2.80 -18.97 7.14
CA SER A 203 1.71 -18.06 6.74
C SER A 203 2.36 -17.00 5.84
N SER A 204 1.72 -16.63 4.73
CA SER A 204 2.45 -15.81 3.77
C SER A 204 1.68 -14.69 3.11
N PHE A 205 2.42 -13.84 2.41
CA PHE A 205 1.85 -12.75 1.62
C PHE A 205 2.41 -12.93 0.23
N CYS A 206 1.52 -13.01 -0.76
CA CYS A 206 1.83 -13.19 -2.19
C CYS A 206 2.46 -11.97 -2.74
N TRP A 207 3.03 -12.09 -3.94
CA TRP A 207 3.63 -10.99 -4.68
C TRP A 207 2.58 -9.92 -4.97
N HIS A 208 2.89 -8.69 -4.61
CA HIS A 208 1.98 -7.55 -4.86
C HIS A 208 2.75 -6.24 -4.69
N ILE A 209 2.11 -5.16 -5.11
CA ILE A 209 2.56 -3.78 -4.89
C ILE A 209 1.43 -3.07 -4.11
N GLU A 210 1.75 -1.94 -3.49
CA GLU A 210 0.74 -1.18 -2.72
C GLU A 210 -0.18 -0.42 -3.63
N ASP A 211 -1.40 -0.16 -3.14
CA ASP A 211 -2.43 0.66 -3.79
C ASP A 211 -1.82 2.02 -4.07
N HIS A 212 -2.07 2.57 -5.27
CA HIS A 212 -1.56 3.85 -5.77
C HIS A 212 -0.03 3.94 -5.73
N TRP A 213 0.66 2.77 -5.82
CA TRP A 213 2.13 2.62 -5.78
C TRP A 213 2.74 3.35 -4.55
N SER A 214 2.02 3.32 -3.41
CA SER A 214 2.49 3.97 -2.20
C SER A 214 3.62 3.20 -1.55
N TYR A 215 4.27 3.85 -0.58
CA TYR A 215 5.28 3.19 0.25
C TYR A 215 4.54 2.39 1.33
N SER A 216 5.27 1.50 1.99
CA SER A 216 4.73 0.87 3.19
C SER A 216 5.85 0.77 4.18
N ILE A 217 5.51 0.85 5.45
CA ILE A 217 6.46 0.71 6.54
C ILE A 217 5.86 -0.35 7.44
N ASN A 218 6.70 -1.29 7.83
CA ASN A 218 6.29 -2.49 8.54
C ASN A 218 7.18 -2.70 9.75
N TYR A 219 6.55 -2.90 10.87
CA TYR A 219 7.27 -3.13 12.12
C TYR A 219 6.92 -4.47 12.71
N LEU A 220 7.93 -5.24 13.12
CA LEU A 220 7.69 -6.51 13.78
C LEU A 220 7.77 -6.26 15.29
N HIS A 221 6.62 -6.29 15.98
CA HIS A 221 6.61 -5.98 17.41
C HIS A 221 7.32 -7.03 18.25
N TRP A 222 7.08 -8.30 17.94
CA TRP A 222 7.61 -9.46 18.64
C TRP A 222 7.40 -10.75 17.88
N GLY A 223 8.09 -11.78 18.33
CA GLY A 223 8.03 -13.14 17.85
C GLY A 223 9.14 -13.50 16.89
N GLU A 224 8.92 -14.60 16.16
CA GLU A 224 9.87 -15.15 15.21
C GLU A 224 9.94 -14.32 13.92
N PRO A 225 11.07 -14.40 13.20
CA PRO A 225 11.24 -13.49 12.04
C PRO A 225 10.21 -13.61 10.91
N LYS A 226 10.14 -12.54 10.14
CA LYS A 226 9.33 -12.44 8.94
C LYS A 226 10.34 -12.40 7.78
N THR A 227 10.29 -13.35 6.85
CA THR A 227 11.15 -13.41 5.68
C THR A 227 10.48 -12.66 4.52
N TRP A 228 11.24 -11.77 3.87
CA TRP A 228 10.78 -10.90 2.78
C TRP A 228 11.58 -11.12 1.52
N TYR A 229 10.92 -10.90 0.35
CA TYR A 229 11.52 -10.86 -0.99
C TYR A 229 10.98 -9.58 -1.59
N GLY A 230 11.87 -8.79 -2.20
CA GLY A 230 11.56 -7.51 -2.80
C GLY A 230 12.21 -7.34 -4.16
N VAL A 231 11.51 -6.62 -5.03
CA VAL A 231 11.93 -6.35 -6.39
C VAL A 231 11.89 -4.81 -6.55
N PRO A 232 12.96 -4.15 -7.09
CA PRO A 232 12.88 -2.68 -7.25
C PRO A 232 11.78 -2.24 -8.20
N GLY A 233 11.28 -1.02 -7.98
CA GLY A 233 10.22 -0.41 -8.76
C GLY A 233 10.50 -0.38 -10.25
N TYR A 234 11.77 -0.22 -10.65
CA TYR A 234 12.15 -0.19 -12.07
C TYR A 234 11.93 -1.53 -12.80
N ALA A 235 11.90 -2.65 -12.03
CA ALA A 235 11.73 -4.00 -12.60
C ALA A 235 10.27 -4.51 -12.54
N ALA A 236 9.33 -3.64 -12.15
CA ALA A 236 7.90 -3.97 -12.01
C ALA A 236 7.26 -4.60 -13.26
N GLU A 237 7.48 -3.99 -14.43
CA GLU A 237 6.92 -4.48 -15.70
C GLU A 237 7.60 -5.77 -16.13
N GLN A 238 8.91 -5.89 -15.86
CA GLN A 238 9.69 -7.09 -16.12
C GLN A 238 9.08 -8.25 -15.29
N LEU A 239 8.79 -8.02 -13.99
CA LEU A 239 8.18 -9.06 -13.14
C LEU A 239 6.80 -9.47 -13.67
N GLU A 240 5.99 -8.48 -14.06
CA GLU A 240 4.63 -8.73 -14.57
C GLU A 240 4.62 -9.56 -15.85
N ASN A 241 5.57 -9.30 -16.76
CA ASN A 241 5.74 -10.04 -18.00
C ASN A 241 6.08 -11.51 -17.75
N VAL A 242 6.92 -11.78 -16.75
CA VAL A 242 7.30 -13.12 -16.33
C VAL A 242 6.06 -13.83 -15.77
N MET A 243 5.30 -13.13 -14.94
CA MET A 243 4.10 -13.70 -14.32
C MET A 243 2.98 -13.96 -15.34
N LYS A 244 2.90 -13.17 -16.44
CA LYS A 244 1.91 -13.34 -17.50
C LYS A 244 2.13 -14.67 -18.26
N LYS A 245 3.40 -15.03 -18.52
CA LYS A 245 3.74 -16.27 -19.22
C LYS A 245 3.46 -17.51 -18.36
N LEU A 246 3.93 -17.51 -17.10
CA LEU A 246 3.82 -18.65 -16.20
C LEU A 246 2.44 -18.80 -15.50
N ALA A 247 1.81 -17.70 -15.06
CA ALA A 247 0.48 -17.75 -14.42
C ALA A 247 -0.52 -16.78 -15.14
N PRO A 248 -1.07 -17.17 -16.33
CA PRO A 248 -1.96 -16.25 -17.08
C PRO A 248 -3.32 -15.95 -16.44
N GLU A 249 -3.85 -16.89 -15.61
CA GLU A 249 -5.13 -16.78 -14.90
C GLU A 249 -5.22 -15.56 -13.96
N LEU A 250 -4.06 -15.16 -13.38
CA LEU A 250 -3.89 -14.02 -12.47
C LEU A 250 -4.21 -12.68 -13.13
N PHE A 251 -3.96 -12.60 -14.45
CA PHE A 251 -4.12 -11.40 -15.27
C PHE A 251 -5.48 -11.30 -15.94
N VAL A 252 -6.09 -12.45 -16.29
CA VAL A 252 -7.40 -12.51 -16.93
C VAL A 252 -8.54 -12.31 -15.90
N SER A 253 -8.73 -11.06 -15.45
N ASP A 256 -14.07 -5.90 -9.40
CA ASP A 256 -13.95 -5.13 -8.16
C ASP A 256 -12.54 -5.17 -7.56
N LEU A 257 -12.26 -4.23 -6.63
CA LEU A 257 -10.97 -4.11 -5.92
C LEU A 257 -10.78 -5.24 -4.91
N LEU A 258 -11.90 -5.73 -4.32
CA LEU A 258 -11.96 -6.83 -3.36
C LEU A 258 -11.91 -8.22 -4.07
N HIS A 259 -11.59 -8.23 -5.39
CA HIS A 259 -11.51 -9.41 -6.25
C HIS A 259 -10.15 -9.54 -7.00
N GLN A 260 -9.12 -8.77 -6.55
CA GLN A 260 -7.77 -8.75 -7.15
C GLN A 260 -7.01 -10.06 -6.88
N LEU A 261 -6.44 -10.67 -7.95
CA LEU A 261 -5.74 -11.95 -7.86
C LEU A 261 -4.22 -11.82 -7.74
N VAL A 262 -3.66 -12.50 -6.74
CA VAL A 262 -2.22 -12.54 -6.43
C VAL A 262 -1.73 -14.01 -6.24
N THR A 263 -0.43 -14.23 -6.32
CA THR A 263 0.12 -15.56 -6.20
C THR A 263 1.53 -15.65 -5.62
N ILE A 264 1.89 -16.85 -5.19
CA ILE A 264 3.22 -17.11 -4.64
C ILE A 264 4.09 -17.65 -5.77
N MET A 265 5.23 -17.03 -6.00
CA MET A 265 6.15 -17.50 -7.01
C MET A 265 7.57 -17.54 -6.47
N ASN A 266 8.28 -18.62 -6.72
CA ASN A 266 9.64 -18.77 -6.25
C ASN A 266 10.51 -17.61 -6.74
N PRO A 267 11.23 -16.89 -5.85
CA PRO A 267 12.14 -15.83 -6.33
C PRO A 267 13.22 -16.31 -7.30
N ASN A 268 13.62 -17.62 -7.23
CA ASN A 268 14.60 -18.20 -8.19
C ASN A 268 14.07 -18.21 -9.64
N THR A 269 12.75 -18.37 -9.82
CA THR A 269 12.09 -18.33 -11.14
C THR A 269 12.22 -16.89 -11.71
N LEU A 270 12.02 -15.89 -10.86
CA LEU A 270 12.15 -14.50 -11.29
C LEU A 270 13.62 -14.18 -11.63
N MET A 271 14.53 -14.65 -10.79
CA MET A 271 15.99 -14.47 -10.95
C MET A 271 16.50 -15.09 -12.25
N THR A 272 15.95 -16.25 -12.63
CA THR A 272 16.23 -16.99 -13.89
C THR A 272 15.79 -16.13 -15.10
N HIS A 273 14.71 -15.34 -14.95
CA HIS A 273 14.20 -14.48 -16.01
C HIS A 273 14.76 -13.05 -15.92
N GLU A 274 15.92 -12.89 -15.24
CA GLU A 274 16.69 -11.65 -15.08
C GLU A 274 15.98 -10.53 -14.27
N VAL A 275 14.98 -10.89 -13.43
CA VAL A 275 14.31 -9.94 -12.54
C VAL A 275 15.18 -9.82 -11.26
N PRO A 276 15.68 -8.63 -10.84
CA PRO A 276 16.47 -8.56 -9.59
C PRO A 276 15.59 -8.76 -8.34
N VAL A 277 15.97 -9.69 -7.47
CA VAL A 277 15.23 -10.02 -6.26
C VAL A 277 16.20 -9.92 -5.08
N TYR A 278 15.72 -9.36 -3.97
CA TYR A 278 16.48 -9.23 -2.72
C TYR A 278 15.66 -9.83 -1.60
N ARG A 279 16.34 -10.30 -0.55
CA ARG A 279 15.70 -10.89 0.59
C ARG A 279 16.14 -10.22 1.90
N THR A 280 15.42 -10.53 2.98
CA THR A 280 15.78 -10.21 4.34
C THR A 280 14.96 -11.04 5.31
N ASN A 281 15.52 -11.27 6.50
CA ASN A 281 14.81 -11.81 7.63
C ASN A 281 14.63 -10.60 8.55
N GLN A 282 13.40 -10.15 8.71
CA GLN A 282 13.09 -9.03 9.58
C GLN A 282 12.87 -9.63 10.97
N CYS A 283 13.66 -9.19 11.93
CA CYS A 283 13.50 -9.66 13.31
C CYS A 283 12.70 -8.67 14.12
N ALA A 284 12.26 -9.11 15.31
CA ALA A 284 11.47 -8.34 16.26
C ALA A 284 12.21 -7.01 16.60
N GLY A 285 11.53 -5.88 16.50
CA GLY A 285 12.13 -4.58 16.76
C GLY A 285 12.72 -3.93 15.51
N GLU A 286 12.58 -4.57 14.36
CA GLU A 286 13.07 -3.98 13.10
C GLU A 286 11.93 -3.56 12.20
N PHE A 287 12.22 -2.58 11.35
CA PHE A 287 11.29 -2.07 10.36
C PHE A 287 11.72 -2.55 8.99
N VAL A 288 10.73 -2.78 8.10
CA VAL A 288 10.95 -3.02 6.68
C VAL A 288 10.19 -1.92 5.96
N ILE A 289 10.84 -1.26 5.01
CA ILE A 289 10.21 -0.21 4.21
C ILE A 289 10.17 -0.72 2.79
N THR A 290 9.00 -0.61 2.14
CA THR A 290 8.85 -0.97 0.72
C THR A 290 8.71 0.34 -0.06
N PHE A 291 9.39 0.46 -1.20
CA PHE A 291 9.37 1.68 -2.00
C PHE A 291 8.27 1.67 -3.06
N PRO A 292 7.89 2.83 -3.64
CA PRO A 292 6.84 2.83 -4.68
C PRO A 292 7.04 1.84 -5.84
N ARG A 293 5.98 1.04 -6.12
CA ARG A 293 5.90 0.04 -7.18
C ARG A 293 6.93 -1.09 -7.02
N ALA A 294 7.41 -1.27 -5.79
CA ALA A 294 8.33 -2.36 -5.47
C ALA A 294 7.53 -3.64 -5.12
N TYR A 295 7.60 -4.66 -5.97
CA TYR A 295 6.93 -5.95 -5.68
C TYR A 295 7.54 -6.61 -4.47
N HIS A 296 6.70 -7.15 -3.59
CA HIS A 296 7.18 -7.83 -2.40
C HIS A 296 6.29 -8.99 -2.05
N SER A 297 6.86 -10.04 -1.44
CA SER A 297 6.20 -11.23 -0.92
C SER A 297 7.01 -11.72 0.27
N GLY A 298 6.49 -12.72 0.95
CA GLY A 298 7.22 -13.26 2.08
C GLY A 298 6.40 -14.21 2.91
N PHE A 299 6.98 -14.69 3.99
CA PHE A 299 6.30 -15.66 4.86
C PHE A 299 6.84 -15.50 6.27
N ASN A 300 6.08 -15.99 7.25
CA ASN A 300 6.50 -15.92 8.63
C ASN A 300 7.19 -17.20 9.03
N GLN A 301 8.26 -17.08 9.83
CA GLN A 301 9.07 -18.19 10.35
C GLN A 301 8.39 -18.88 11.52
N GLY A 302 7.45 -18.20 12.16
CA GLY A 302 6.76 -18.73 13.33
C GLY A 302 5.77 -17.71 13.84
N PHE A 303 5.27 -17.93 15.08
CA PHE A 303 4.32 -17.08 15.76
C PHE A 303 4.89 -15.66 15.92
N ASN A 304 4.20 -14.66 15.38
CA ASN A 304 4.71 -13.31 15.47
C ASN A 304 3.58 -12.27 15.36
N PHE A 305 3.92 -11.00 15.56
CA PHE A 305 2.97 -9.90 15.54
C PHE A 305 3.59 -8.69 14.87
N ALA A 306 2.97 -8.26 13.76
CA ALA A 306 3.47 -7.14 13.00
C ALA A 306 2.39 -6.13 12.76
N GLU A 307 2.83 -4.89 12.49
CA GLU A 307 1.98 -3.75 12.25
C GLU A 307 2.57 -3.00 11.09
N ALA A 308 1.71 -2.58 10.18
CA ALA A 308 2.10 -1.92 8.95
C ALA A 308 1.17 -0.81 8.54
N VAL A 309 1.72 0.17 7.82
CA VAL A 309 0.91 1.27 7.29
C VAL A 309 1.47 1.73 5.93
N ASN A 310 0.59 2.22 5.06
CA ASN A 310 0.98 2.81 3.79
C ASN A 310 1.26 4.27 4.05
N PHE A 311 2.11 4.87 3.22
CA PHE A 311 2.38 6.31 3.30
C PHE A 311 2.85 6.85 1.99
N CYS A 312 2.71 8.15 1.81
CA CYS A 312 3.06 8.85 0.60
C CYS A 312 3.85 10.10 0.92
N THR A 313 5.06 10.22 0.36
CA THR A 313 5.95 11.38 0.51
C THR A 313 5.76 12.29 -0.72
N VAL A 314 6.46 13.44 -0.76
CA VAL A 314 6.45 14.42 -1.86
C VAL A 314 7.09 13.82 -3.12
N ASP A 315 8.10 12.96 -2.93
CA ASP A 315 8.82 12.22 -3.97
C ASP A 315 7.83 11.31 -4.76
N TRP A 316 6.81 10.77 -4.05
CA TRP A 316 5.82 9.84 -4.60
C TRP A 316 4.78 10.53 -5.52
N LEU A 317 4.43 11.83 -5.31
CA LEU A 317 3.38 12.55 -6.07
C LEU A 317 3.39 12.31 -7.59
N PRO A 318 4.52 12.46 -8.34
CA PRO A 318 4.49 12.16 -9.78
C PRO A 318 4.20 10.68 -10.10
N LEU A 319 4.67 9.75 -9.26
CA LEU A 319 4.40 8.31 -9.41
C LEU A 319 2.94 8.00 -9.14
N GLY A 320 2.34 8.71 -8.18
CA GLY A 320 0.94 8.60 -7.85
C GLY A 320 0.08 8.94 -9.05
N ARG A 321 0.47 10.01 -9.81
CA ARG A 321 -0.21 10.43 -11.05
C ARG A 321 -0.01 9.36 -12.15
N GLN A 322 1.22 8.84 -12.31
N GLN A 322 1.23 8.84 -12.32
CA GLN A 322 1.53 7.79 -13.30
CA GLN A 322 1.53 7.79 -13.30
C GLN A 322 0.73 6.52 -13.00
C GLN A 322 0.70 6.53 -13.00
N CYS A 323 0.50 6.22 -11.70
CA CYS A 323 -0.27 5.07 -11.25
C CYS A 323 -1.72 5.09 -11.68
N VAL A 324 -2.39 6.20 -11.48
CA VAL A 324 -3.79 6.44 -11.83
C VAL A 324 -4.00 6.31 -13.35
N GLU A 325 -3.04 6.80 -14.14
CA GLU A 325 -3.01 6.64 -15.60
C GLU A 325 -2.88 5.11 -15.96
N HIS A 326 -2.03 4.39 -15.22
CA HIS A 326 -1.83 2.95 -15.40
C HIS A 326 -3.09 2.16 -15.00
N TYR A 327 -3.78 2.56 -13.92
CA TYR A 327 -5.04 1.94 -13.49
C TYR A 327 -6.11 2.11 -14.60
N ARG A 328 -6.13 3.28 -15.26
CA ARG A 328 -7.07 3.60 -16.36
C ARG A 328 -6.88 2.62 -17.54
N LEU A 329 -5.63 2.41 -17.97
N LEU A 329 -5.62 2.41 -17.97
CA LEU A 329 -5.30 1.47 -19.06
CA LEU A 329 -5.21 1.47 -19.02
C LEU A 329 -5.67 0.02 -18.71
C LEU A 329 -5.69 0.04 -18.71
N LEU A 330 -5.65 -0.33 -17.42
CA LEU A 330 -6.02 -1.65 -16.89
C LEU A 330 -7.48 -1.80 -16.52
N HIS A 331 -8.25 -0.68 -16.41
CA HIS A 331 -9.66 -0.67 -15.96
C HIS A 331 -9.71 -1.10 -14.48
N ARG A 332 -8.71 -0.68 -13.71
CA ARG A 332 -8.61 -1.02 -12.30
C ARG A 332 -9.21 0.12 -11.45
N TYR A 333 -9.92 -0.24 -10.38
CA TYR A 333 -10.50 0.77 -9.48
C TYR A 333 -9.40 1.49 -8.69
N CYS A 334 -9.64 2.76 -8.40
CA CYS A 334 -8.77 3.62 -7.59
C CYS A 334 -9.27 3.50 -6.17
N VAL A 335 -8.42 3.75 -5.19
CA VAL A 335 -8.83 3.79 -3.79
C VAL A 335 -9.37 5.23 -3.52
N PHE A 336 -8.71 6.23 -4.12
CA PHE A 336 -9.03 7.64 -4.00
C PHE A 336 -8.75 8.35 -5.32
N SER A 337 -9.26 9.57 -5.45
CA SER A 337 -8.97 10.39 -6.62
C SER A 337 -7.68 11.18 -6.28
N HIS A 338 -6.65 11.04 -7.11
CA HIS A 338 -5.36 11.73 -6.96
C HIS A 338 -5.56 13.25 -7.17
N ASP A 339 -6.37 13.66 -8.19
CA ASP A 339 -6.69 15.05 -8.47
C ASP A 339 -7.42 15.73 -7.33
N GLU A 340 -8.37 15.01 -6.70
CA GLU A 340 -9.10 15.49 -5.53
C GLU A 340 -8.14 15.78 -4.37
N MET A 341 -7.16 14.91 -4.16
CA MET A 341 -6.16 15.06 -3.11
C MET A 341 -5.32 16.34 -3.35
N ILE A 342 -4.82 16.53 -4.59
CA ILE A 342 -4.02 17.69 -5.03
C ILE A 342 -4.80 18.99 -4.80
N CYS A 343 -6.06 19.03 -5.23
CA CYS A 343 -6.95 20.20 -5.08
C CYS A 343 -7.29 20.47 -3.63
N LYS A 344 -7.42 19.41 -2.81
CA LYS A 344 -7.66 19.56 -1.37
C LYS A 344 -6.45 20.28 -0.74
N MET A 345 -5.22 19.80 -1.06
CA MET A 345 -4.00 20.43 -0.54
C MET A 345 -3.86 21.87 -1.03
N ALA A 346 -4.23 22.16 -2.30
CA ALA A 346 -4.16 23.52 -2.84
C ALA A 346 -5.09 24.46 -2.07
N SER A 347 -6.29 23.95 -1.67
CA SER A 347 -7.27 24.71 -0.87
C SER A 347 -6.79 24.98 0.58
N LYS A 348 -5.73 24.28 1.03
CA LYS A 348 -5.13 24.41 2.35
C LYS A 348 -3.67 24.92 2.24
N ALA A 349 -3.32 25.59 1.11
CA ALA A 349 -1.96 26.08 0.85
C ALA A 349 -1.33 26.87 2.00
N ASP A 350 -2.13 27.72 2.69
CA ASP A 350 -1.69 28.56 3.82
C ASP A 350 -1.13 27.77 5.01
N VAL A 351 -1.56 26.50 5.20
CA VAL A 351 -1.10 25.67 6.31
C VAL A 351 -0.20 24.49 5.87
N LEU A 352 0.18 24.40 4.59
CA LEU A 352 1.05 23.29 4.17
C LEU A 352 2.50 23.56 4.46
N ASP A 353 3.30 22.49 4.60
CA ASP A 353 4.75 22.56 4.72
C ASP A 353 5.24 23.15 3.38
N VAL A 354 6.28 24.00 3.40
CA VAL A 354 6.79 24.71 2.21
C VAL A 354 7.31 23.77 1.10
N VAL A 355 7.99 22.67 1.46
CA VAL A 355 8.51 21.72 0.48
C VAL A 355 7.32 20.96 -0.15
N VAL A 356 6.31 20.64 0.68
CA VAL A 356 5.07 20.01 0.25
C VAL A 356 4.35 20.93 -0.76
N ALA A 357 4.19 22.24 -0.43
CA ALA A 357 3.51 23.22 -1.30
C ALA A 357 4.20 23.32 -2.67
N SER A 358 5.54 23.30 -2.68
CA SER A 358 6.38 23.37 -3.88
C SER A 358 6.16 22.15 -4.81
N THR A 359 6.10 20.94 -4.23
CA THR A 359 5.89 19.68 -4.96
C THR A 359 4.47 19.55 -5.47
N VAL A 360 3.47 19.90 -4.64
CA VAL A 360 2.05 19.88 -5.02
C VAL A 360 1.85 20.82 -6.19
N GLN A 361 2.49 22.00 -6.13
CA GLN A 361 2.39 23.01 -7.17
C GLN A 361 2.85 22.46 -8.54
N LYS A 362 3.99 21.73 -8.55
CA LYS A 362 4.51 21.07 -9.75
C LYS A 362 3.55 20.01 -10.32
N ASP A 363 2.89 19.19 -9.47
CA ASP A 363 1.92 18.20 -9.93
C ASP A 363 0.64 18.88 -10.46
N MET A 364 0.21 19.95 -9.78
CA MET A 364 -0.95 20.72 -10.15
C MET A 364 -0.79 21.40 -11.54
N ALA A 365 0.42 21.85 -11.89
CA ALA A 365 0.74 22.43 -13.20
C ALA A 365 0.54 21.40 -14.32
N ILE A 366 0.92 20.13 -14.07
CA ILE A 366 0.75 19.02 -15.01
C ILE A 366 -0.75 18.68 -15.14
N MET A 367 -1.44 18.52 -14.02
CA MET A 367 -2.88 18.27 -13.97
C MET A 367 -3.64 19.33 -14.79
N ILE A 368 -3.35 20.64 -14.59
CA ILE A 368 -4.05 21.73 -15.27
C ILE A 368 -3.84 21.67 -16.78
N GLU A 369 -2.59 21.49 -17.21
CA GLU A 369 -2.25 21.37 -18.62
C GLU A 369 -2.90 20.16 -19.29
N ASP A 370 -2.93 19.00 -18.60
CA ASP A 370 -3.60 17.81 -19.14
C ASP A 370 -5.11 18.03 -19.24
N GLU A 371 -5.70 18.69 -18.23
CA GLU A 371 -7.14 18.98 -18.16
C GLU A 371 -7.55 19.90 -19.29
N LYS A 372 -6.75 20.94 -19.54
CA LYS A 372 -6.95 21.90 -20.61
C LYS A 372 -6.99 21.20 -22.00
N ALA A 373 -6.04 20.27 -22.27
CA ALA A 373 -5.98 19.50 -23.53
C ALA A 373 -7.20 18.60 -23.67
N LEU A 374 -7.58 17.88 -22.59
CA LEU A 374 -8.74 17.00 -22.56
C LEU A 374 -10.04 17.76 -22.83
N ARG A 375 -10.23 18.95 -22.23
CA ARG A 375 -11.43 19.78 -22.41
C ARG A 375 -11.55 20.28 -23.83
N GLU A 376 -10.42 20.68 -24.44
CA GLU A 376 -10.36 21.13 -25.83
C GLU A 376 -10.76 19.98 -26.79
N THR A 377 -10.26 18.76 -26.53
CA THR A 377 -10.57 17.55 -27.28
C THR A 377 -12.06 17.20 -27.22
N VAL A 378 -12.70 17.25 -26.01
CA VAL A 378 -14.13 16.91 -25.91
C VAL A 378 -14.99 18.02 -26.53
N ARG A 379 -14.52 19.29 -26.51
CA ARG A 379 -15.21 20.38 -27.19
C ARG A 379 -15.19 20.14 -28.71
N LYS A 380 -14.07 19.64 -29.24
CA LYS A 380 -13.97 19.36 -30.67
C LYS A 380 -14.84 18.15 -31.12
N LEU A 381 -15.26 17.29 -30.18
CA LEU A 381 -16.14 16.15 -30.44
C LEU A 381 -17.61 16.58 -30.46
N GLY A 382 -17.85 17.84 -30.10
CA GLY A 382 -19.18 18.43 -30.14
C GLY A 382 -19.93 18.45 -28.83
N VAL A 383 -19.22 18.28 -27.70
CA VAL A 383 -19.83 18.41 -26.38
C VAL A 383 -19.83 19.91 -26.11
N ILE A 384 -20.99 20.51 -26.02
CA ILE A 384 -21.10 21.96 -25.84
C ILE A 384 -21.61 22.37 -24.48
N ASP A 385 -22.71 21.74 -24.01
CA ASP A 385 -23.26 22.08 -22.71
C ASP A 385 -22.31 21.67 -21.59
N SER A 386 -22.31 22.44 -20.50
CA SER A 386 -21.47 22.16 -19.35
C SER A 386 -22.17 22.64 -18.07
N GLU A 387 -21.81 22.06 -16.92
CA GLU A 387 -22.37 22.46 -15.64
C GLU A 387 -21.36 22.11 -14.57
N ARG A 388 -21.15 22.97 -13.59
CA ARG A 388 -20.23 22.68 -12.51
C ARG A 388 -20.82 21.58 -11.66
N MET A 389 -19.98 20.67 -11.19
CA MET A 389 -20.43 19.59 -10.33
C MET A 389 -19.45 19.34 -9.20
N ASP A 390 -19.95 19.19 -7.98
CA ASP A 390 -19.09 18.93 -6.83
C ASP A 390 -18.91 17.42 -6.72
N PHE A 391 -17.92 16.91 -7.41
CA PHE A 391 -17.65 15.48 -7.47
C PHE A 391 -17.36 14.87 -6.11
N GLU A 392 -16.66 15.61 -5.26
CA GLU A 392 -16.27 15.10 -3.93
C GLU A 392 -17.48 14.71 -3.06
N LEU A 393 -18.68 15.23 -3.38
CA LEU A 393 -19.92 14.89 -2.63
C LEU A 393 -20.50 13.53 -3.01
N LEU A 394 -20.12 13.03 -4.16
CA LEU A 394 -20.67 11.74 -4.62
C LEU A 394 -19.95 10.59 -3.99
N PRO A 395 -20.65 9.51 -3.56
CA PRO A 395 -19.92 8.28 -3.16
C PRO A 395 -19.06 7.81 -4.36
N ASP A 396 -17.92 7.14 -4.14
CA ASP A 396 -17.00 6.68 -5.20
C ASP A 396 -17.67 5.86 -6.31
N ASP A 397 -18.52 4.91 -5.90
CA ASP A 397 -19.30 4.03 -6.78
C ASP A 397 -20.24 4.83 -7.67
N GLU A 398 -20.42 6.13 -7.40
CA GLU A 398 -21.29 6.99 -8.21
C GLU A 398 -20.49 7.89 -9.16
N ARG A 399 -19.17 7.79 -9.13
CA ARG A 399 -18.39 8.67 -10.00
C ARG A 399 -17.21 7.95 -10.68
N GLN A 400 -17.41 6.70 -11.04
CA GLN A 400 -16.41 5.91 -11.77
C GLN A 400 -16.75 5.89 -13.24
N CYS A 401 -15.74 6.06 -14.12
CA CYS A 401 -15.91 5.99 -15.57
C CYS A 401 -16.51 4.59 -15.91
N VAL A 402 -17.58 4.54 -16.71
CA VAL A 402 -18.28 3.31 -17.14
C VAL A 402 -17.24 2.36 -17.83
N LYS A 403 -16.32 2.95 -18.61
CA LYS A 403 -15.29 2.21 -19.33
C LYS A 403 -14.07 1.81 -18.49
N CYS A 404 -13.30 2.79 -17.96
CA CYS A 404 -12.02 2.50 -17.32
C CYS A 404 -12.07 2.41 -15.80
N LYS A 405 -13.23 2.72 -15.19
CA LYS A 405 -13.45 2.65 -13.72
C LYS A 405 -12.69 3.71 -12.93
N THR A 406 -12.06 4.66 -13.59
CA THR A 406 -11.36 5.74 -12.90
C THR A 406 -12.34 6.58 -12.02
N THR A 407 -11.88 7.02 -10.84
CA THR A 407 -12.67 7.89 -9.96
C THR A 407 -12.59 9.30 -10.55
N CYS A 408 -13.72 9.83 -11.03
CA CYS A 408 -13.75 11.15 -11.63
C CYS A 408 -13.77 12.29 -10.61
N PHE A 409 -13.00 13.34 -10.88
CA PHE A 409 -13.00 14.52 -10.03
C PHE A 409 -13.01 15.84 -10.81
N MET A 410 -11.99 16.02 -11.65
CA MET A 410 -11.84 17.21 -12.46
C MET A 410 -12.96 17.40 -13.45
N SER A 411 -13.37 16.34 -14.10
CA SER A 411 -14.46 16.40 -15.07
C SER A 411 -14.95 15.03 -15.53
N ALA A 412 -16.13 15.03 -16.15
CA ALA A 412 -16.75 13.80 -16.65
C ALA A 412 -17.82 14.21 -17.64
N ILE A 413 -18.31 13.25 -18.40
CA ILE A 413 -19.38 13.48 -19.36
C ILE A 413 -20.61 12.68 -18.91
N SER A 414 -21.79 13.31 -18.98
CA SER A 414 -23.05 12.64 -18.68
C SER A 414 -24.01 12.86 -19.85
N CYS A 415 -25.03 12.01 -19.94
CA CYS A 415 -26.12 12.13 -20.90
C CYS A 415 -27.42 11.89 -20.15
N SER A 416 -28.44 12.71 -20.39
CA SER A 416 -29.74 12.54 -19.72
C SER A 416 -30.40 11.17 -20.08
N CYS A 417 -29.97 10.53 -21.18
CA CYS A 417 -30.47 9.21 -21.59
C CYS A 417 -29.97 8.06 -20.67
N LYS A 418 -28.82 8.24 -19.99
CA LYS A 418 -28.28 7.24 -19.06
C LYS A 418 -28.09 7.90 -17.69
N PRO A 419 -29.21 8.13 -16.93
CA PRO A 419 -29.09 8.86 -15.66
C PRO A 419 -28.17 8.22 -14.64
N GLY A 420 -27.29 9.05 -14.08
CA GLY A 420 -26.31 8.62 -13.10
C GLY A 420 -25.00 8.08 -13.67
N LEU A 421 -24.96 7.73 -14.97
CA LEU A 421 -23.73 7.18 -15.54
C LEU A 421 -22.74 8.27 -15.95
N LEU A 422 -21.46 8.01 -15.77
CA LEU A 422 -20.40 8.94 -16.15
C LEU A 422 -19.30 8.25 -16.93
N VAL A 423 -18.67 8.98 -17.86
CA VAL A 423 -17.45 8.55 -18.53
C VAL A 423 -16.39 9.62 -18.20
N CYS A 424 -15.09 9.25 -18.12
CA CYS A 424 -14.04 10.27 -17.94
C CYS A 424 -13.83 10.92 -19.35
N LEU A 425 -13.00 11.94 -19.49
CA LEU A 425 -12.82 12.64 -20.76
C LEU A 425 -12.03 11.85 -21.81
N HIS A 426 -11.41 10.72 -21.43
CA HIS A 426 -10.74 9.83 -22.39
C HIS A 426 -11.76 8.90 -23.05
N HIS A 427 -12.94 8.74 -22.44
CA HIS A 427 -13.91 7.75 -22.91
C HIS A 427 -15.28 8.31 -23.30
N VAL A 428 -15.28 9.50 -23.90
CA VAL A 428 -16.48 10.20 -24.38
C VAL A 428 -17.32 9.33 -25.32
N LYS A 429 -16.68 8.54 -26.22
CA LYS A 429 -17.42 7.67 -27.15
C LYS A 429 -18.00 6.36 -26.50
N GLU A 430 -17.81 6.14 -25.20
CA GLU A 430 -18.24 4.91 -24.51
C GLU A 430 -19.49 5.06 -23.63
N LEU A 431 -20.09 6.25 -23.59
CA LEU A 431 -21.24 6.48 -22.73
C LEU A 431 -22.57 5.90 -23.29
N CYS A 432 -22.98 6.32 -24.50
CA CYS A 432 -24.21 5.89 -25.15
C CYS A 432 -24.13 6.22 -26.62
N SER A 433 -25.18 5.89 -27.38
CA SER A 433 -25.22 6.09 -28.81
C SER A 433 -25.79 7.45 -29.25
N CYS A 434 -26.15 8.34 -28.29
CA CYS A 434 -26.68 9.69 -28.55
C CYS A 434 -25.59 10.54 -29.22
N PRO A 435 -25.93 11.56 -30.04
CA PRO A 435 -24.88 12.45 -30.56
C PRO A 435 -24.27 13.29 -29.42
N PRO A 436 -22.98 13.66 -29.50
CA PRO A 436 -22.36 14.42 -28.38
C PRO A 436 -23.00 15.78 -28.03
N TYR A 437 -23.88 16.37 -28.87
CA TYR A 437 -24.57 17.61 -28.48
C TYR A 437 -25.59 17.39 -27.34
N LYS A 438 -25.95 16.13 -27.08
CA LYS A 438 -26.87 15.74 -26.00
C LYS A 438 -26.11 15.61 -24.67
N TYR A 439 -24.77 15.53 -24.75
CA TYR A 439 -23.91 15.37 -23.57
C TYR A 439 -23.70 16.64 -22.79
N LYS A 440 -23.25 16.47 -21.56
CA LYS A 440 -22.97 17.61 -20.72
C LYS A 440 -21.61 17.39 -20.11
N LEU A 441 -20.74 18.38 -20.22
CA LEU A 441 -19.46 18.31 -19.54
C LEU A 441 -19.71 18.73 -18.07
N ARG A 442 -19.44 17.83 -17.11
CA ARG A 442 -19.57 18.12 -15.67
C ARG A 442 -18.16 18.40 -15.19
N TYR A 443 -17.94 19.54 -14.55
CA TYR A 443 -16.58 19.93 -14.15
C TYR A 443 -16.53 20.43 -12.73
N ARG A 444 -15.42 20.18 -12.01
CA ARG A 444 -15.29 20.70 -10.65
C ARG A 444 -14.93 22.20 -10.66
N TYR A 445 -13.95 22.57 -11.47
CA TYR A 445 -13.43 23.93 -11.55
C TYR A 445 -13.26 24.37 -12.98
N THR A 446 -13.41 25.68 -13.20
CA THR A 446 -13.06 26.26 -14.49
C THR A 446 -11.51 26.42 -14.42
N LEU A 447 -10.86 26.59 -15.57
CA LEU A 447 -9.41 26.87 -15.62
C LEU A 447 -9.08 28.16 -14.84
N ASP A 448 -10.00 29.14 -14.87
CA ASP A 448 -9.87 30.39 -14.11
C ASP A 448 -9.91 30.18 -12.60
N ASP A 449 -10.59 29.12 -12.10
CA ASP A 449 -10.59 28.85 -10.65
C ASP A 449 -9.26 28.18 -10.27
N LEU A 450 -8.68 27.39 -11.19
CA LEU A 450 -7.47 26.60 -10.92
C LEU A 450 -6.17 27.39 -10.81
N TYR A 451 -5.94 28.40 -11.67
CA TYR A 451 -4.70 29.21 -11.66
C TYR A 451 -4.48 29.94 -10.29
N PRO A 452 -5.49 30.59 -9.66
CA PRO A 452 -5.28 31.17 -8.30
C PRO A 452 -4.93 30.13 -7.22
N MET A 453 -5.50 28.91 -7.31
CA MET A 453 -5.24 27.81 -6.36
C MET A 453 -3.75 27.44 -6.45
N MET A 454 -3.23 27.35 -7.67
CA MET A 454 -1.83 27.05 -7.92
C MET A 454 -0.91 28.22 -7.46
N ASN A 455 -1.36 29.48 -7.63
CA ASN A 455 -0.66 30.67 -7.16
C ASN A 455 -0.53 30.72 -5.63
N ALA A 456 -1.57 30.30 -4.90
CA ALA A 456 -1.56 30.22 -3.43
C ALA A 456 -0.40 29.29 -3.00
N LEU A 457 -0.24 28.14 -3.70
CA LEU A 457 0.83 27.17 -3.46
C LEU A 457 2.19 27.77 -3.71
N LYS A 458 2.32 28.54 -4.80
CA LYS A 458 3.55 29.22 -5.20
C LYS A 458 3.97 30.24 -4.12
N LEU A 459 3.00 31.03 -3.61
CA LEU A 459 3.28 32.01 -2.56
C LEU A 459 3.73 31.30 -1.28
N ARG A 460 3.04 30.22 -0.88
CA ARG A 460 3.43 29.43 0.28
C ARG A 460 4.83 28.81 0.11
N ALA A 461 5.14 28.32 -1.10
CA ALA A 461 6.43 27.70 -1.40
C ALA A 461 7.55 28.73 -1.47
N GLU A 462 7.27 29.96 -1.97
CA GLU A 462 8.26 31.03 -2.10
C GLU A 462 8.62 31.71 -0.77
N SER A 463 7.86 31.44 0.32
CA SER A 463 8.12 31.97 1.67
C SER A 463 9.09 31.07 2.44
#